data_2CDF
#
_entry.id   2CDF
#
_cell.length_a   64.451
_cell.length_b   64.451
_cell.length_c   184.977
_cell.angle_alpha   90.00
_cell.angle_beta   90.00
_cell.angle_gamma   120.00
#
_symmetry.space_group_name_H-M   'P 32 2 1'
#
loop_
_entity.id
_entity.type
_entity.pdbx_description
1 polymer 'TCR 5E'
2 polymer 'TCR 5E'
3 water water
#
loop_
_entity_poly.entity_id
_entity_poly.type
_entity_poly.pdbx_seq_one_letter_code
_entity_poly.pdbx_strand_id
1 'polypeptide(L)'
;NQVEQSPQFLSIQEGENLTVYCNSSSVFSSLQWYRQEPGEGPVLLVTVVTGGEVKKLKRLTFQFGDARKDSSLHITAAQP
GDTGLYLCAGADRGSTLGRLYFGRGTQLTVWPDIQNPDPAVYQLRDSKSSDKSVCLFTDFDSQTNVSQSKDSDVYITDKC
VLDMRSMDFKSNSAVAWSNKSDFACANAFNN
;
A
2 'polypeptide(L)'
;EADIYQTPRYLVIGTGKKITLECSQTMGHDKMYWYQQDPGMELHLIHYSYGVNSTEKGDLSSESTVSRIRTEHFPLTLES
ARPSHTSQYLCASSEFRDGNEKLFFGSGTQLSVLEDLNKVFPPEVAVFEPSEAEISHTQKATLVCLATGFYPDHVELSWW
VNGKEVHSGVCTDPQPLKEQPALNDSRYALSSRLRVSATFWQDPRNHFRCQVQFYGLSENDEWTQDRAKPVTQIVSAEAW
GRAD
;
B
#
# COMPACT_ATOMS: atom_id res chain seq x y z
N ASN A 1 -19.44 -16.37 -7.39
CA ASN A 1 -19.29 -16.89 -6.00
C ASN A 1 -17.86 -17.37 -5.72
N GLN A 2 -17.30 -18.14 -6.65
CA GLN A 2 -15.85 -18.31 -6.73
C GLN A 2 -15.36 -17.47 -7.93
N VAL A 3 -14.75 -16.34 -7.62
CA VAL A 3 -14.38 -15.33 -8.61
C VAL A 3 -12.86 -15.33 -8.85
N GLU A 4 -12.47 -15.51 -10.12
CA GLU A 4 -11.07 -15.68 -10.52
C GLU A 4 -10.67 -14.50 -11.35
N GLN A 5 -9.57 -13.84 -10.98
CA GLN A 5 -9.08 -12.69 -11.74
C GLN A 5 -7.71 -12.98 -12.31
N SER A 6 -7.44 -12.49 -13.52
CA SER A 6 -6.19 -12.77 -14.21
C SER A 6 -5.81 -11.62 -15.13
N PRO A 7 -4.49 -11.36 -15.28
CA PRO A 7 -3.44 -12.01 -14.49
C PRO A 7 -3.42 -11.46 -13.06
N GLN A 8 -2.72 -12.13 -12.16
CA GLN A 8 -2.56 -11.68 -10.79
C GLN A 8 -1.81 -10.32 -10.69
N PHE A 9 -0.73 -10.21 -11.46
CA PHE A 9 0.07 -9.01 -11.59
C PHE A 9 0.28 -8.74 -13.08
N LEU A 10 0.27 -7.45 -13.42
CA LEU A 10 0.56 -6.98 -14.77
C LEU A 10 1.41 -5.72 -14.68
N SER A 11 2.62 -5.81 -15.22
CA SER A 11 3.54 -4.69 -15.27
C SER A 11 3.72 -4.30 -16.74
N ILE A 12 3.60 -3.03 -17.03
CA ILE A 12 3.52 -2.57 -18.42
C ILE A 12 4.06 -1.14 -18.58
N GLN A 13 4.50 -0.77 -19.78
CA GLN A 13 4.92 0.61 -20.05
C GLN A 13 3.75 1.49 -20.46
N GLU A 14 3.78 2.75 -20.04
CA GLU A 14 2.79 3.74 -20.50
C GLU A 14 2.63 3.75 -22.04
N GLY A 15 1.42 4.02 -22.52
CA GLY A 15 1.17 4.05 -23.96
C GLY A 15 0.51 2.79 -24.49
N GLU A 16 0.81 1.67 -23.83
CA GLU A 16 0.30 0.35 -24.20
C GLU A 16 -1.17 0.15 -23.82
N ASN A 17 -1.86 -0.65 -24.64
CA ASN A 17 -3.15 -1.26 -24.31
C ASN A 17 -3.00 -2.57 -23.49
N LEU A 18 -4.02 -2.88 -22.70
CA LEU A 18 -4.06 -4.10 -21.85
C LEU A 18 -5.51 -4.58 -21.61
N THR A 19 -5.68 -5.89 -21.39
CA THR A 19 -6.95 -6.43 -20.96
C THR A 19 -6.79 -7.28 -19.70
N VAL A 20 -7.68 -7.06 -18.73
CA VAL A 20 -7.71 -7.95 -17.56
C VAL A 20 -9.08 -8.63 -17.45
N TYR A 21 -9.10 -9.78 -16.77
CA TYR A 21 -10.23 -10.68 -16.84
C TYR A 21 -10.74 -11.10 -15.47
N CYS A 22 -12.04 -11.34 -15.42
CA CYS A 22 -12.71 -11.78 -14.22
C CYS A 22 -13.68 -12.91 -14.60
N ASN A 23 -13.52 -14.06 -13.96
CA ASN A 23 -14.29 -15.25 -14.28
C ASN A 23 -14.95 -15.87 -13.06
N SER A 24 -16.11 -16.48 -13.28
CA SER A 24 -16.87 -17.13 -12.21
C SER A 24 -17.57 -18.35 -12.78
N SER A 25 -17.75 -19.37 -11.95
CA SER A 25 -18.56 -20.54 -12.33
C SER A 25 -20.07 -20.31 -12.14
N SER A 26 -20.42 -19.14 -11.61
CA SER A 26 -21.77 -18.78 -11.18
C SER A 26 -22.28 -17.63 -12.01
N VAL A 27 -23.57 -17.64 -12.35
CA VAL A 27 -24.20 -16.52 -13.07
C VAL A 27 -24.41 -15.31 -12.12
N PHE A 28 -24.09 -14.11 -12.61
CA PHE A 28 -24.33 -12.85 -11.86
C PHE A 28 -25.45 -12.00 -12.45
N SER A 29 -26.27 -11.45 -11.58
CA SER A 29 -27.29 -10.50 -12.00
C SER A 29 -26.66 -9.13 -12.30
N SER A 30 -25.50 -8.87 -11.70
CA SER A 30 -24.70 -7.68 -12.01
C SER A 30 -23.26 -7.88 -11.57
N LEU A 31 -22.38 -7.03 -12.11
CA LEU A 31 -20.95 -7.15 -11.89
C LEU A 31 -20.33 -5.76 -11.81
N GLN A 32 -19.50 -5.53 -10.78
CA GLN A 32 -18.78 -4.27 -10.63
C GLN A 32 -17.28 -4.39 -10.72
N TRP A 33 -16.64 -3.32 -11.16
CA TRP A 33 -15.19 -3.17 -11.03
C TRP A 33 -14.83 -2.05 -10.08
N TYR A 34 -13.80 -2.30 -9.28
CA TYR A 34 -13.33 -1.32 -8.30
C TYR A 34 -11.86 -1.12 -8.48
N ARG A 35 -11.41 0.08 -8.19
CA ARG A 35 -9.99 0.30 -8.14
C ARG A 35 -9.60 0.70 -6.73
N GLN A 36 -8.58 0.04 -6.20
CA GLN A 36 -8.05 0.30 -4.87
C GLN A 36 -6.60 0.78 -4.99
N GLU A 37 -6.30 1.85 -4.30
CA GLU A 37 -4.97 2.41 -4.24
C GLU A 37 -4.44 2.02 -2.89
N PRO A 38 -3.12 1.91 -2.73
CA PRO A 38 -2.64 1.36 -1.45
C PRO A 38 -2.99 2.25 -0.25
N GLY A 39 -3.41 1.60 0.82
CA GLY A 39 -3.81 2.28 2.05
C GLY A 39 -5.22 2.88 2.05
N GLU A 40 -5.97 2.64 0.98
CA GLU A 40 -7.23 3.33 0.75
C GLU A 40 -8.34 2.34 0.40
N GLY A 41 -9.59 2.76 0.52
CA GLY A 41 -10.71 1.90 0.16
C GLY A 41 -10.85 1.71 -1.33
N PRO A 42 -11.35 0.55 -1.79
CA PRO A 42 -11.66 0.43 -3.20
C PRO A 42 -12.69 1.48 -3.64
N VAL A 43 -12.58 1.92 -4.91
CA VAL A 43 -13.45 2.94 -5.51
C VAL A 43 -14.21 2.34 -6.70
N LEU A 44 -15.54 2.40 -6.66
CA LEU A 44 -16.37 1.85 -7.74
C LEU A 44 -16.05 2.53 -9.06
N LEU A 45 -15.77 1.73 -10.08
CA LEU A 45 -15.61 2.25 -11.44
C LEU A 45 -16.88 2.13 -12.26
N VAL A 46 -17.52 0.98 -12.22
CA VAL A 46 -18.62 0.69 -13.15
C VAL A 46 -19.53 -0.44 -12.58
N THR A 47 -20.78 -0.49 -13.02
CA THR A 47 -21.65 -1.65 -12.82
C THR A 47 -22.15 -2.08 -14.19
N VAL A 48 -22.04 -3.36 -14.52
CA VAL A 48 -22.70 -3.91 -15.71
C VAL A 48 -23.81 -4.89 -15.31
N VAL A 49 -24.92 -4.89 -16.05
CA VAL A 49 -26.11 -5.66 -15.69
C VAL A 49 -26.61 -6.58 -16.81
N THR A 50 -26.27 -6.24 -18.06
CA THR A 50 -26.78 -6.95 -19.23
C THR A 50 -25.70 -7.84 -19.84
N GLY A 51 -26.02 -9.10 -20.07
CA GLY A 51 -25.12 -9.97 -20.83
C GLY A 51 -24.77 -9.38 -22.19
N GLY A 52 -23.48 -9.34 -22.48
CA GLY A 52 -22.97 -8.80 -23.72
C GLY A 52 -22.68 -7.31 -23.70
N GLU A 53 -23.08 -6.61 -22.64
CA GLU A 53 -22.99 -5.13 -22.63
C GLU A 53 -21.55 -4.59 -22.56
N VAL A 54 -21.32 -3.51 -23.31
CA VAL A 54 -20.06 -2.80 -23.31
C VAL A 54 -20.25 -1.41 -22.70
N LYS A 55 -19.54 -1.14 -21.61
CA LYS A 55 -19.50 0.18 -21.02
C LYS A 55 -18.11 0.78 -21.17
N LYS A 56 -18.05 1.92 -21.84
CA LYS A 56 -16.80 2.63 -22.03
C LYS A 56 -16.85 3.85 -21.11
N LEU A 57 -15.88 3.97 -20.22
CA LEU A 57 -15.69 5.18 -19.44
C LEU A 57 -14.29 5.76 -19.65
N LYS A 58 -14.20 6.71 -20.58
CA LYS A 58 -12.90 7.26 -21.02
C LYS A 58 -12.02 6.15 -21.61
N ARG A 59 -10.79 5.98 -21.12
CA ARG A 59 -9.86 4.96 -21.63
C ARG A 59 -10.13 3.51 -21.17
N LEU A 60 -11.07 3.34 -20.25
CA LEU A 60 -11.44 2.03 -19.72
C LEU A 60 -12.68 1.51 -20.41
N THR A 61 -12.58 0.32 -20.98
CA THR A 61 -13.72 -0.35 -21.61
C THR A 61 -14.03 -1.64 -20.87
N PHE A 62 -15.21 -1.67 -20.28
CA PHE A 62 -15.72 -2.85 -19.59
C PHE A 62 -16.70 -3.60 -20.45
N GLN A 63 -16.60 -4.94 -20.44
CA GLN A 63 -17.53 -5.82 -21.15
C GLN A 63 -18.10 -6.83 -20.16
N PHE A 64 -19.41 -7.11 -20.24
CA PHE A 64 -20.05 -8.19 -19.50
C PHE A 64 -20.27 -9.36 -20.46
N GLY A 65 -19.69 -10.52 -20.16
CA GLY A 65 -19.94 -11.72 -20.95
C GLY A 65 -21.41 -12.02 -21.13
N ASP A 66 -21.78 -12.59 -22.29
CA ASP A 66 -23.17 -12.93 -22.62
C ASP A 66 -23.88 -13.81 -21.59
N ALA A 67 -23.15 -14.77 -21.01
CA ALA A 67 -23.77 -15.65 -20.03
C ALA A 67 -23.74 -15.04 -18.61
N ARG A 68 -23.08 -13.88 -18.46
CA ARG A 68 -23.07 -13.16 -17.18
C ARG A 68 -22.27 -13.90 -16.11
N LYS A 69 -21.22 -14.60 -16.55
CA LYS A 69 -20.36 -15.39 -15.68
C LYS A 69 -18.92 -14.84 -15.69
N ASP A 70 -18.69 -13.79 -16.49
CA ASP A 70 -17.37 -13.20 -16.69
C ASP A 70 -17.46 -11.81 -17.24
N SER A 71 -16.35 -11.08 -17.10
CA SER A 71 -16.19 -9.69 -17.53
C SER A 71 -14.73 -9.38 -17.85
N SER A 72 -14.49 -8.34 -18.65
CA SER A 72 -13.12 -7.86 -18.89
C SER A 72 -13.01 -6.34 -18.77
N LEU A 73 -11.85 -5.89 -18.35
CA LEU A 73 -11.55 -4.48 -18.34
C LEU A 73 -10.41 -4.26 -19.36
N HIS A 74 -10.64 -3.42 -20.36
CA HIS A 74 -9.59 -3.09 -21.33
C HIS A 74 -9.20 -1.63 -21.17
N ILE A 75 -7.89 -1.39 -21.07
CA ILE A 75 -7.37 -0.04 -20.93
C ILE A 75 -6.59 0.30 -22.15
N THR A 76 -6.93 1.44 -22.74
CA THR A 76 -6.27 2.00 -23.90
C THR A 76 -5.25 3.01 -23.41
N ALA A 77 -4.07 2.99 -24.04
CA ALA A 77 -3.03 3.99 -23.80
C ALA A 77 -2.80 4.21 -22.31
N ALA A 78 -2.46 3.13 -21.60
CA ALA A 78 -2.14 3.14 -20.17
C ALA A 78 -1.24 4.28 -19.74
N GLN A 79 -1.61 4.92 -18.64
CA GLN A 79 -0.85 6.01 -18.06
C GLN A 79 -0.42 5.57 -16.68
N PRO A 80 0.72 6.09 -16.18
CA PRO A 80 1.16 5.77 -14.80
C PRO A 80 0.05 5.86 -13.74
N GLY A 81 -0.81 6.87 -13.83
CA GLY A 81 -1.95 7.04 -12.94
C GLY A 81 -2.97 5.89 -12.91
N ASP A 82 -2.90 4.96 -13.87
CA ASP A 82 -3.81 3.80 -13.93
C ASP A 82 -3.37 2.72 -12.94
N THR A 83 -2.15 2.87 -12.42
CA THR A 83 -1.58 1.94 -11.43
C THR A 83 -2.52 1.69 -10.23
N GLY A 84 -2.70 0.43 -9.89
CA GLY A 84 -3.59 0.09 -8.78
C GLY A 84 -4.11 -1.32 -8.88
N LEU A 85 -4.93 -1.67 -7.89
CA LEU A 85 -5.55 -2.99 -7.81
C LEU A 85 -6.94 -2.95 -8.37
N TYR A 86 -7.14 -3.72 -9.43
CA TYR A 86 -8.42 -3.79 -10.08
C TYR A 86 -9.22 -4.99 -9.58
N LEU A 87 -10.26 -4.68 -8.82
CA LEU A 87 -11.10 -5.69 -8.21
C LEU A 87 -12.42 -5.84 -8.96
N CYS A 88 -12.78 -7.09 -9.19
CA CYS A 88 -14.00 -7.49 -9.84
C CYS A 88 -14.95 -8.04 -8.73
N ALA A 89 -16.24 -7.68 -8.75
CA ALA A 89 -17.23 -8.16 -7.74
C ALA A 89 -18.58 -8.44 -8.38
N GLY A 90 -19.10 -9.64 -8.15
CA GLY A 90 -20.36 -10.07 -8.76
C GLY A 90 -21.46 -10.19 -7.72
N ALA A 91 -22.67 -9.82 -8.13
CA ALA A 91 -23.85 -10.04 -7.31
C ALA A 91 -24.63 -11.27 -7.75
N ASP A 92 -24.93 -12.13 -6.79
CA ASP A 92 -25.83 -13.26 -7.02
C ASP A 92 -27.15 -12.82 -6.42
N ARG A 93 -28.09 -12.41 -7.26
CA ARG A 93 -29.38 -11.96 -6.73
C ARG A 93 -30.14 -13.12 -6.08
N GLY A 94 -29.79 -14.35 -6.48
CA GLY A 94 -30.26 -15.57 -5.82
C GLY A 94 -29.78 -15.74 -4.38
N SER A 95 -28.66 -15.09 -4.03
CA SER A 95 -28.15 -15.12 -2.65
C SER A 95 -28.94 -14.16 -1.72
N THR A 96 -28.37 -12.97 -1.46
CA THR A 96 -29.02 -11.97 -0.60
C THR A 96 -28.86 -10.57 -1.18
N LEU A 97 -29.44 -9.57 -0.49
CA LEU A 97 -29.22 -8.17 -0.82
C LEU A 97 -27.85 -7.70 -0.33
N GLY A 98 -27.11 -7.06 -1.24
CA GLY A 98 -25.80 -6.49 -0.94
C GLY A 98 -24.67 -7.50 -0.85
N ARG A 99 -24.96 -8.75 -1.24
CA ARG A 99 -23.91 -9.76 -1.25
C ARG A 99 -23.14 -9.73 -2.57
N LEU A 100 -21.99 -9.08 -2.49
CA LEU A 100 -21.03 -8.96 -3.57
C LEU A 100 -19.93 -9.99 -3.29
N TYR A 101 -19.58 -10.77 -4.30
CA TYR A 101 -18.49 -11.73 -4.20
C TYR A 101 -17.26 -11.18 -4.94
N PHE A 102 -16.17 -10.99 -4.22
CA PHE A 102 -14.97 -10.34 -4.76
C PHE A 102 -13.90 -11.31 -5.29
N GLY A 103 -13.25 -10.94 -6.38
CA GLY A 103 -12.00 -11.58 -6.79
C GLY A 103 -10.88 -10.93 -6.00
N ARG A 104 -9.67 -11.49 -6.10
CA ARG A 104 -8.47 -11.03 -5.36
C ARG A 104 -7.82 -9.84 -6.05
N GLY A 105 -8.10 -9.69 -7.35
CA GLY A 105 -7.71 -8.50 -8.11
C GLY A 105 -6.55 -8.73 -9.05
N THR A 106 -6.39 -7.82 -9.99
CA THR A 106 -5.14 -7.66 -10.76
C THR A 106 -4.39 -6.41 -10.26
N GLN A 107 -3.18 -6.63 -9.77
CA GLN A 107 -2.30 -5.52 -9.43
C GLN A 107 -1.64 -5.07 -10.76
N LEU A 108 -2.05 -3.88 -11.22
CA LEU A 108 -1.53 -3.29 -12.43
C LEU A 108 -0.59 -2.17 -12.05
N THR A 109 0.65 -2.25 -12.55
CA THR A 109 1.62 -1.17 -12.43
C THR A 109 1.99 -0.68 -13.86
N VAL A 110 1.88 0.62 -14.08
CA VAL A 110 2.20 1.22 -15.37
C VAL A 110 3.44 2.06 -15.19
N TRP A 111 4.50 1.71 -15.89
CA TRP A 111 5.77 2.41 -15.75
C TRP A 111 5.94 3.49 -16.82
N PRO A 112 6.46 4.67 -16.41
CA PRO A 112 6.84 5.72 -17.36
C PRO A 112 8.01 5.29 -18.25
N ASP A 113 7.99 5.76 -19.50
CA ASP A 113 9.14 5.64 -20.39
C ASP A 113 10.28 6.53 -19.93
N ILE A 114 11.49 5.99 -20.01
CA ILE A 114 12.73 6.67 -19.63
C ILE A 114 13.36 7.24 -20.91
N GLN A 115 13.46 8.57 -20.98
CA GLN A 115 13.92 9.28 -22.21
C GLN A 115 15.43 9.13 -22.50
N ASN A 116 16.27 9.44 -21.52
CA ASN A 116 17.73 9.29 -21.66
C ASN A 116 18.31 8.42 -20.54
N PRO A 117 18.23 7.07 -20.69
CA PRO A 117 18.76 6.24 -19.62
C PRO A 117 20.28 6.44 -19.45
N ASP A 118 20.75 6.43 -18.20
CA ASP A 118 22.18 6.59 -17.90
C ASP A 118 22.53 5.78 -16.63
N PRO A 119 22.45 4.43 -16.72
CA PRO A 119 22.58 3.58 -15.52
C PRO A 119 23.88 3.81 -14.76
N ALA A 120 23.78 3.85 -13.44
CA ALA A 120 24.98 3.89 -12.60
C ALA A 120 24.66 3.34 -11.22
N VAL A 121 25.65 2.71 -10.59
CA VAL A 121 25.55 2.35 -9.18
C VAL A 121 26.41 3.32 -8.38
N TYR A 122 25.80 4.05 -7.43
CA TYR A 122 26.53 5.01 -6.61
C TYR A 122 26.56 4.58 -5.14
N GLN A 123 27.64 4.92 -4.44
CA GLN A 123 27.68 4.72 -2.98
C GLN A 123 27.34 6.00 -2.25
N LEU A 124 26.39 5.91 -1.31
CA LEU A 124 26.08 7.05 -0.44
C LEU A 124 26.51 6.82 1.01
N ARG A 125 27.04 7.88 1.61
CA ARG A 125 27.51 7.85 2.99
C ARG A 125 26.37 8.24 3.91
N ASP A 126 26.33 7.65 5.09
CA ASP A 126 25.37 8.06 6.14
C ASP A 126 25.60 9.54 6.49
N SER A 127 24.49 10.28 6.60
CA SER A 127 24.47 11.69 7.00
C SER A 127 25.19 11.96 8.34
N LYS A 128 24.93 11.12 9.34
CA LYS A 128 25.71 11.15 10.57
C LYS A 128 26.84 10.14 10.49
N SER A 129 27.81 10.27 11.39
CA SER A 129 28.98 9.41 11.40
C SER A 129 28.64 7.95 11.70
N SER A 130 28.84 7.12 10.69
CA SER A 130 28.63 5.70 10.76
C SER A 130 29.61 5.07 9.79
N ASP A 131 29.87 3.78 9.97
CA ASP A 131 30.58 2.99 8.97
C ASP A 131 29.57 2.53 7.90
N LYS A 132 28.31 2.94 8.08
CA LYS A 132 27.17 2.52 7.23
C LYS A 132 27.07 3.28 5.92
N SER A 133 26.71 2.53 4.86
CA SER A 133 26.49 3.06 3.52
C SER A 133 25.39 2.28 2.77
N VAL A 134 24.80 2.92 1.75
CA VAL A 134 23.93 2.22 0.82
C VAL A 134 24.39 2.34 -0.62
N CYS A 135 23.90 1.44 -1.47
CA CYS A 135 24.16 1.52 -2.91
C CYS A 135 22.89 1.91 -3.65
N LEU A 136 23.02 2.84 -4.57
CA LEU A 136 21.90 3.28 -5.39
C LEU A 136 22.15 2.94 -6.85
N PHE A 137 21.35 2.00 -7.37
CA PHE A 137 21.30 1.72 -8.80
C PHE A 137 20.23 2.66 -9.37
N THR A 138 20.63 3.57 -10.26
CA THR A 138 19.69 4.57 -10.78
C THR A 138 19.87 4.89 -12.27
N ASP A 139 18.83 5.44 -12.86
CA ASP A 139 18.82 6.00 -14.22
C ASP A 139 18.85 4.91 -15.29
N PHE A 140 18.40 3.71 -14.93
CA PHE A 140 18.25 2.63 -15.89
C PHE A 140 16.90 2.69 -16.65
N ASP A 141 16.87 2.04 -17.81
CA ASP A 141 15.67 2.00 -18.66
C ASP A 141 14.65 1.02 -18.10
N SER A 142 13.47 0.97 -18.70
CA SER A 142 12.36 0.27 -18.05
C SER A 142 12.33 -1.24 -18.25
N GLN A 143 13.04 -1.75 -19.25
CA GLN A 143 13.22 -3.20 -19.40
C GLN A 143 14.41 -3.78 -18.62
N THR A 144 15.06 -2.94 -17.81
CA THR A 144 16.06 -3.43 -16.87
C THR A 144 15.37 -4.11 -15.69
N ASN A 145 15.80 -5.35 -15.42
CA ASN A 145 15.33 -6.11 -14.27
C ASN A 145 16.32 -6.07 -13.12
N VAL A 146 15.92 -5.46 -12.02
CA VAL A 146 16.73 -5.41 -10.82
C VAL A 146 16.61 -6.78 -10.18
N SER A 147 17.74 -7.48 -10.07
CA SER A 147 17.76 -8.81 -9.50
C SER A 147 17.61 -8.75 -7.98
N GLN A 148 16.88 -9.72 -7.42
CA GLN A 148 16.67 -9.81 -5.98
C GLN A 148 17.93 -10.36 -5.33
N SER A 149 18.13 -10.05 -4.05
CA SER A 149 19.36 -10.42 -3.33
C SER A 149 19.66 -11.92 -3.31
N LYS A 150 18.71 -12.68 -2.73
CA LYS A 150 18.88 -14.12 -2.47
C LYS A 150 19.95 -14.45 -1.43
N ASP A 151 21.00 -13.63 -1.37
CA ASP A 151 22.07 -13.80 -0.38
C ASP A 151 21.66 -13.17 0.95
N SER A 152 21.77 -13.96 2.00
CA SER A 152 21.22 -13.71 3.33
C SER A 152 21.39 -12.29 3.86
N ASP A 153 22.64 -11.82 3.86
CA ASP A 153 23.02 -10.58 4.53
C ASP A 153 22.94 -9.33 3.65
N VAL A 154 22.39 -9.48 2.45
CA VAL A 154 22.23 -8.35 1.53
C VAL A 154 20.75 -8.11 1.22
N TYR A 155 20.36 -6.84 1.30
CA TYR A 155 19.00 -6.40 1.07
C TYR A 155 18.96 -5.60 -0.20
N ILE A 156 18.08 -5.99 -1.12
CA ILE A 156 17.88 -5.20 -2.33
C ILE A 156 16.39 -4.91 -2.55
N THR A 157 16.04 -3.64 -2.64
CA THR A 157 14.67 -3.24 -2.91
C THR A 157 14.29 -3.43 -4.38
N ASP A 158 12.99 -3.45 -4.65
CA ASP A 158 12.49 -3.42 -6.01
C ASP A 158 12.69 -2.03 -6.60
N LYS A 159 12.56 -1.93 -7.92
CA LYS A 159 12.59 -0.67 -8.65
C LYS A 159 11.46 0.28 -8.20
N CYS A 160 11.78 1.58 -8.13
CA CYS A 160 10.85 2.65 -7.81
C CYS A 160 11.06 3.77 -8.82
N VAL A 161 9.99 4.39 -9.31
CA VAL A 161 10.16 5.53 -10.24
C VAL A 161 9.83 6.85 -9.58
N LEU A 162 10.67 7.86 -9.75
CA LEU A 162 10.34 9.17 -9.18
C LEU A 162 10.20 10.21 -10.29
N ASP A 163 9.40 11.23 -10.04
CA ASP A 163 9.11 12.26 -11.04
C ASP A 163 9.65 13.61 -10.53
N MET A 164 10.67 14.14 -11.20
CA MET A 164 11.10 15.50 -10.95
C MET A 164 10.30 16.36 -11.88
N ARG A 165 9.16 16.84 -11.38
CA ARG A 165 8.13 17.49 -12.19
C ARG A 165 8.55 18.80 -12.87
N SER A 166 9.22 19.68 -12.13
CA SER A 166 9.72 20.95 -12.68
C SER A 166 10.65 20.76 -13.88
N MET A 167 11.33 19.61 -13.91
CA MET A 167 12.38 19.33 -14.86
C MET A 167 11.91 18.49 -16.06
N ASP A 168 10.66 18.01 -15.99
CA ASP A 168 10.13 17.09 -17.00
C ASP A 168 11.01 15.82 -17.07
N PHE A 169 11.32 15.26 -15.89
CA PHE A 169 12.34 14.21 -15.75
C PHE A 169 11.92 13.14 -14.78
N LYS A 170 12.02 11.89 -15.23
CA LYS A 170 11.70 10.73 -14.39
C LYS A 170 12.88 9.78 -14.37
N SER A 171 13.07 9.10 -13.26
CA SER A 171 14.14 8.12 -13.19
C SER A 171 13.71 6.91 -12.36
N ASN A 172 14.29 5.76 -12.70
CA ASN A 172 14.16 4.54 -11.93
C ASN A 172 15.31 4.41 -10.95
N SER A 173 15.04 3.82 -9.80
CA SER A 173 16.11 3.46 -8.87
C SER A 173 15.76 2.23 -8.07
N ALA A 174 16.81 1.61 -7.50
CA ALA A 174 16.68 0.49 -6.56
C ALA A 174 17.81 0.65 -5.55
N VAL A 175 17.60 0.24 -4.30
CA VAL A 175 18.60 0.43 -3.23
C VAL A 175 19.12 -0.90 -2.69
N ALA A 176 20.42 -1.00 -2.43
CA ALA A 176 21.02 -2.16 -1.80
C ALA A 176 21.78 -1.77 -0.54
N TRP A 177 21.72 -2.62 0.48
CA TRP A 177 22.59 -2.41 1.63
C TRP A 177 22.94 -3.69 2.38
N SER A 178 24.01 -3.63 3.17
CA SER A 178 24.39 -4.69 4.11
C SER A 178 24.87 -4.10 5.43
N ASN A 179 24.88 -4.93 6.48
CA ASN A 179 25.52 -4.54 7.75
C ASN A 179 26.98 -4.24 7.45
N LYS A 180 27.71 -5.30 7.10
CA LYS A 180 29.05 -5.27 6.52
C LYS A 180 29.23 -6.72 6.00
N SER A 181 30.44 -7.19 5.66
CA SER A 181 31.70 -6.48 5.61
C SER A 181 32.34 -6.83 4.26
N ASP A 182 31.98 -8.03 3.79
CA ASP A 182 32.30 -8.51 2.44
C ASP A 182 31.48 -7.76 1.37
N PHE A 183 30.46 -7.00 1.80
CA PHE A 183 29.59 -6.28 0.87
C PHE A 183 30.28 -5.08 0.22
N ALA A 184 30.30 -5.09 -1.11
CA ALA A 184 30.80 -3.98 -1.88
C ALA A 184 29.73 -3.58 -2.89
N CYS A 185 29.57 -2.27 -3.11
CA CYS A 185 28.61 -1.77 -4.12
C CYS A 185 28.88 -2.35 -5.51
N ALA A 186 30.15 -2.65 -5.80
CA ALA A 186 30.55 -3.25 -7.08
C ALA A 186 29.87 -4.60 -7.34
N ASN A 187 29.70 -5.40 -6.29
CA ASN A 187 29.05 -6.72 -6.40
C ASN A 187 27.52 -6.66 -6.29
N ALA A 188 27.02 -5.65 -5.57
CA ALA A 188 25.61 -5.49 -5.18
C ALA A 188 24.53 -5.80 -6.25
N PHE A 189 24.63 -5.18 -7.41
CA PHE A 189 23.61 -5.35 -8.47
C PHE A 189 24.03 -6.21 -9.68
N ASN A 190 25.09 -6.99 -9.55
CA ASN A 190 25.55 -7.87 -10.63
C ASN A 190 24.49 -8.89 -11.07
N ASN A 191 24.45 -9.18 -12.38
CA ASN A 191 23.39 -10.01 -12.97
C ASN A 191 23.77 -11.49 -13.15
N GLU B 1 -23.18 16.60 2.95
CA GLU B 1 -21.71 16.52 2.64
C GLU B 1 -21.06 15.17 3.00
N ALA B 2 -19.73 15.12 2.78
CA ALA B 2 -18.82 14.11 3.32
C ALA B 2 -18.94 12.71 2.72
N ASP B 3 -18.57 11.69 3.50
CA ASP B 3 -18.35 10.35 2.99
C ASP B 3 -18.46 9.30 4.11
N ILE B 4 -17.48 8.40 4.16
CA ILE B 4 -17.43 7.30 5.09
C ILE B 4 -16.02 7.30 5.72
N TYR B 5 -15.96 7.04 7.03
CA TYR B 5 -14.77 7.24 7.84
C TYR B 5 -14.57 6.04 8.77
N GLN B 6 -13.33 5.56 8.82
CA GLN B 6 -12.92 4.45 9.67
C GLN B 6 -11.73 4.89 10.52
N THR B 7 -11.73 4.47 11.78
CA THR B 7 -10.57 4.63 12.66
C THR B 7 -10.52 3.43 13.62
N PRO B 8 -9.32 3.10 14.12
CA PRO B 8 -8.02 3.60 13.67
C PRO B 8 -7.58 2.98 12.34
N ARG B 9 -6.64 3.65 11.68
CA ARG B 9 -6.08 3.19 10.43
C ARG B 9 -5.15 1.99 10.67
N TYR B 10 -4.55 1.99 11.86
CA TYR B 10 -3.55 1.03 12.27
C TYR B 10 -3.75 0.71 13.73
N LEU B 11 -3.65 -0.59 14.04
CA LEU B 11 -3.65 -1.02 15.44
C LEU B 11 -2.85 -2.30 15.71
N VAL B 12 -1.88 -2.19 16.62
CA VAL B 12 -1.22 -3.38 17.14
C VAL B 12 -1.62 -3.60 18.59
N ILE B 13 -2.18 -4.77 18.91
CA ILE B 13 -2.59 -5.05 20.30
C ILE B 13 -2.24 -6.44 20.79
N GLY B 14 -2.10 -6.56 22.11
CA GLY B 14 -1.81 -7.85 22.76
C GLY B 14 -3.02 -8.76 22.65
N THR B 15 -2.78 -10.05 22.86
CA THR B 15 -3.83 -11.04 22.71
C THR B 15 -4.79 -11.06 23.92
N GLY B 16 -6.08 -11.21 23.63
CA GLY B 16 -7.10 -11.34 24.67
C GLY B 16 -7.78 -10.03 25.01
N LYS B 17 -7.37 -8.96 24.33
CA LYS B 17 -7.93 -7.61 24.55
C LYS B 17 -9.21 -7.41 23.75
N LYS B 18 -10.14 -6.63 24.31
CA LYS B 18 -11.31 -6.16 23.55
C LYS B 18 -10.91 -5.03 22.58
N ILE B 19 -11.46 -5.07 21.37
CA ILE B 19 -11.17 -4.12 20.30
C ILE B 19 -12.48 -3.67 19.69
N THR B 20 -12.62 -2.36 19.46
CA THR B 20 -13.74 -1.81 18.68
C THR B 20 -13.19 -1.02 17.50
N LEU B 21 -13.63 -1.37 16.29
CA LEU B 21 -13.26 -0.59 15.09
C LEU B 21 -14.43 0.26 14.69
N GLU B 22 -14.16 1.55 14.49
CA GLU B 22 -15.23 2.51 14.30
C GLU B 22 -15.50 2.73 12.83
N CYS B 23 -16.78 2.91 12.49
CA CYS B 23 -17.19 3.24 11.13
C CYS B 23 -18.37 4.18 11.10
N SER B 24 -18.22 5.31 10.44
CA SER B 24 -19.33 6.19 10.27
C SER B 24 -19.42 6.76 8.86
N GLN B 25 -20.66 6.91 8.38
CA GLN B 25 -20.93 7.69 7.19
C GLN B 25 -22.01 8.74 7.44
N THR B 26 -21.90 9.87 6.73
CA THR B 26 -22.90 10.93 6.75
C THR B 26 -23.77 11.00 5.47
N MET B 27 -23.90 9.90 4.75
CA MET B 27 -24.65 9.91 3.50
C MET B 27 -26.10 9.48 3.73
N GLY B 28 -26.39 9.03 4.96
CA GLY B 28 -27.73 8.53 5.29
C GLY B 28 -28.05 7.25 4.53
N HIS B 29 -27.02 6.43 4.32
CA HIS B 29 -27.18 5.11 3.70
C HIS B 29 -27.72 4.09 4.72
N ASP B 30 -28.80 3.41 4.38
CA ASP B 30 -29.35 2.32 5.18
C ASP B 30 -28.43 1.09 5.31
N LYS B 31 -27.87 0.65 4.18
CA LYS B 31 -27.04 -0.56 4.13
C LYS B 31 -25.57 -0.30 4.42
N MET B 32 -24.98 -1.13 5.25
CA MET B 32 -23.60 -0.97 5.67
C MET B 32 -23.00 -2.36 5.84
N TYR B 33 -21.67 -2.45 5.71
CA TYR B 33 -20.99 -3.74 5.61
C TYR B 33 -19.66 -3.72 6.31
N TRP B 34 -19.22 -4.90 6.77
CA TRP B 34 -17.82 -5.10 7.12
C TRP B 34 -17.26 -6.24 6.28
N TYR B 35 -16.11 -5.97 5.64
CA TYR B 35 -15.38 -6.92 4.82
C TYR B 35 -14.05 -7.13 5.51
N GLN B 36 -13.48 -8.33 5.34
CA GLN B 36 -12.19 -8.66 5.90
C GLN B 36 -11.39 -9.25 4.78
N GLN B 37 -10.08 -9.02 4.79
CA GLN B 37 -9.16 -9.70 3.86
C GLN B 37 -7.79 -9.94 4.46
N ASP B 38 -7.55 -11.20 4.83
CA ASP B 38 -6.25 -11.70 5.27
C ASP B 38 -5.20 -11.54 4.16
N PRO B 39 -3.89 -11.70 4.52
CA PRO B 39 -2.77 -11.71 3.56
C PRO B 39 -3.03 -12.38 2.21
N GLY B 40 -3.53 -13.61 2.22
CA GLY B 40 -3.65 -14.38 0.98
C GLY B 40 -4.98 -14.38 0.22
N MET B 41 -5.98 -13.65 0.71
CA MET B 41 -7.32 -13.78 0.14
C MET B 41 -8.00 -12.52 -0.40
N GLU B 42 -9.21 -12.72 -0.93
CA GLU B 42 -10.06 -11.67 -1.42
C GLU B 42 -10.87 -11.08 -0.26
N LEU B 43 -11.39 -9.89 -0.47
CA LEU B 43 -12.37 -9.31 0.45
C LEU B 43 -13.55 -10.25 0.68
N HIS B 44 -13.92 -10.43 1.95
CA HIS B 44 -15.10 -11.24 2.24
C HIS B 44 -15.98 -10.67 3.34
N LEU B 45 -17.28 -10.69 3.08
CA LEU B 45 -18.24 -10.06 3.96
C LEU B 45 -18.27 -10.75 5.32
N ILE B 46 -18.07 -10.00 6.41
CA ILE B 46 -18.23 -10.61 7.74
C ILE B 46 -19.55 -10.25 8.45
N HIS B 47 -20.01 -9.02 8.26
CA HIS B 47 -21.28 -8.53 8.80
C HIS B 47 -21.89 -7.57 7.82
N TYR B 48 -23.21 -7.44 7.88
CA TYR B 48 -23.91 -6.41 7.12
C TYR B 48 -25.15 -6.01 7.88
N SER B 49 -25.69 -4.85 7.50
CA SER B 49 -26.86 -4.26 8.14
C SER B 49 -27.76 -3.63 7.12
N TYR B 50 -29.04 -3.99 7.15
CA TYR B 50 -30.02 -3.37 6.28
C TYR B 50 -30.47 -1.98 6.76
N GLY B 51 -30.15 -1.66 8.01
CA GLY B 51 -30.55 -0.39 8.63
C GLY B 51 -30.47 -0.53 10.14
N VAL B 52 -30.93 0.48 10.86
CA VAL B 52 -31.04 0.41 12.32
C VAL B 52 -31.82 -0.86 12.77
N ASN B 53 -31.28 -1.55 13.79
CA ASN B 53 -31.83 -2.81 14.37
C ASN B 53 -31.54 -4.07 13.56
N SER B 54 -30.94 -3.91 12.38
CA SER B 54 -30.57 -5.03 11.53
C SER B 54 -29.07 -5.26 11.63
N THR B 55 -28.70 -6.47 12.02
CA THR B 55 -27.28 -6.90 12.02
C THR B 55 -27.21 -8.36 11.56
N GLU B 56 -26.51 -8.60 10.46
CA GLU B 56 -26.44 -9.93 9.90
C GLU B 56 -25.01 -10.42 9.78
N LYS B 57 -24.80 -11.72 9.99
CA LYS B 57 -23.47 -12.26 9.79
C LYS B 57 -23.35 -12.63 8.33
N GLY B 58 -22.26 -12.17 7.70
CA GLY B 58 -21.92 -12.60 6.34
C GLY B 58 -21.04 -13.85 6.31
N ASP B 59 -20.44 -14.14 7.46
CA ASP B 59 -19.52 -15.25 7.64
C ASP B 59 -19.91 -15.80 9.00
N LEU B 60 -20.43 -17.02 9.00
CA LEU B 60 -20.92 -17.67 10.21
C LEU B 60 -19.82 -17.87 11.27
N SER B 61 -18.61 -18.23 10.82
CA SER B 61 -17.45 -18.51 11.69
C SER B 61 -16.87 -17.31 12.47
N SER B 62 -17.06 -16.10 11.95
CA SER B 62 -16.55 -14.85 12.56
C SER B 62 -16.97 -14.66 14.02
N GLU B 63 -16.01 -14.38 14.89
CA GLU B 63 -16.33 -14.06 16.30
C GLU B 63 -16.21 -12.55 16.62
N SER B 64 -16.55 -11.75 15.63
CA SER B 64 -16.74 -10.32 15.80
C SER B 64 -18.23 -10.10 15.95
N THR B 65 -18.62 -9.00 16.60
CA THR B 65 -20.02 -8.57 16.61
C THR B 65 -20.15 -7.12 16.12
N VAL B 66 -21.35 -6.80 15.65
CA VAL B 66 -21.67 -5.42 15.25
C VAL B 66 -22.96 -4.97 15.96
N SER B 67 -23.22 -3.66 15.91
CA SER B 67 -24.53 -3.13 16.28
C SER B 67 -24.89 -1.95 15.39
N ARG B 68 -26.18 -1.74 15.23
CA ARG B 68 -26.70 -0.67 14.41
C ARG B 68 -27.86 0.01 15.12
N ILE B 69 -27.55 1.06 15.87
CA ILE B 69 -28.58 1.83 16.61
C ILE B 69 -28.75 3.24 16.01
N ARG B 70 -27.79 3.60 15.16
CA ARG B 70 -27.85 4.85 14.40
C ARG B 70 -27.51 4.49 12.96
N THR B 71 -28.16 5.17 12.00
CA THR B 71 -27.91 4.99 10.56
C THR B 71 -26.44 5.25 10.22
N GLU B 72 -25.92 6.28 10.88
CA GLU B 72 -24.58 6.83 10.79
C GLU B 72 -23.47 5.86 11.19
N HIS B 73 -23.68 5.07 12.23
CA HIS B 73 -22.60 4.26 12.84
C HIS B 73 -22.78 2.75 12.70
N PHE B 74 -21.69 2.07 12.36
CA PHE B 74 -21.69 0.60 12.26
C PHE B 74 -20.40 0.06 12.90
N PRO B 75 -20.30 0.10 14.26
CA PRO B 75 -19.07 -0.33 14.92
C PRO B 75 -18.97 -1.84 14.97
N LEU B 76 -17.72 -2.29 14.97
CA LEU B 76 -17.33 -3.69 14.95
C LEU B 76 -16.51 -3.98 16.20
N THR B 77 -16.91 -4.99 16.95
CA THR B 77 -16.24 -5.36 18.18
C THR B 77 -15.62 -6.76 18.10
N LEU B 78 -14.38 -6.88 18.58
CA LEU B 78 -13.75 -8.15 18.87
C LEU B 78 -13.56 -8.28 20.38
N GLU B 79 -14.38 -9.12 21.03
CA GLU B 79 -14.39 -9.21 22.49
C GLU B 79 -13.08 -9.78 23.04
N SER B 80 -12.42 -10.62 22.25
CA SER B 80 -11.18 -11.26 22.68
C SER B 80 -10.21 -11.45 21.50
N ALA B 81 -9.30 -10.49 21.35
CA ALA B 81 -8.26 -10.51 20.32
C ALA B 81 -7.46 -11.81 20.35
N ARG B 82 -7.40 -12.49 19.21
CA ARG B 82 -6.47 -13.61 19.00
C ARG B 82 -5.56 -13.26 17.79
N PRO B 83 -4.36 -13.83 17.73
CA PRO B 83 -3.51 -13.55 16.55
C PRO B 83 -4.24 -13.71 15.21
N SER B 84 -5.19 -14.63 15.15
CA SER B 84 -5.91 -14.94 13.90
C SER B 84 -6.79 -13.78 13.41
N HIS B 85 -7.01 -12.79 14.29
CA HIS B 85 -7.74 -11.56 13.94
C HIS B 85 -6.88 -10.54 13.17
N THR B 86 -5.56 -10.77 13.12
CA THR B 86 -4.63 -9.93 12.35
C THR B 86 -5.02 -9.85 10.86
N SER B 87 -5.44 -8.67 10.42
CA SER B 87 -6.17 -8.58 9.16
C SER B 87 -6.38 -7.17 8.70
N GLN B 88 -7.01 -7.05 7.53
CA GLN B 88 -7.49 -5.75 7.03
C GLN B 88 -9.01 -5.71 7.13
N TYR B 89 -9.53 -4.68 7.79
CA TYR B 89 -10.96 -4.55 8.01
C TYR B 89 -11.50 -3.34 7.28
N LEU B 90 -12.38 -3.56 6.31
CA LEU B 90 -12.92 -2.49 5.46
C LEU B 90 -14.42 -2.34 5.66
N CYS B 91 -14.84 -1.13 6.04
CA CYS B 91 -16.27 -0.86 6.24
C CYS B 91 -16.77 -0.20 4.94
N ALA B 92 -18.05 -0.42 4.62
CA ALA B 92 -18.68 0.14 3.42
C ALA B 92 -20.14 0.50 3.73
N SER B 93 -20.70 1.42 2.96
CA SER B 93 -22.13 1.65 2.94
C SER B 93 -22.57 1.63 1.47
N SER B 94 -23.87 1.48 1.22
CA SER B 94 -24.38 1.52 -0.17
C SER B 94 -25.76 2.14 -0.32
N GLU B 95 -26.11 2.48 -1.56
CA GLU B 95 -27.49 2.86 -1.92
C GLU B 95 -27.82 2.45 -3.35
N PHE B 96 -29.13 2.34 -3.64
CA PHE B 96 -29.67 2.06 -4.97
C PHE B 96 -29.67 3.32 -5.84
N ARG B 97 -28.79 3.38 -6.83
CA ARG B 97 -28.74 4.50 -7.78
C ARG B 97 -28.76 3.94 -9.20
N ASP B 98 -29.83 4.26 -9.94
CA ASP B 98 -30.08 3.68 -11.27
C ASP B 98 -30.26 2.16 -11.19
N GLY B 99 -30.99 1.70 -10.16
CA GLY B 99 -31.22 0.28 -9.92
C GLY B 99 -29.99 -0.53 -9.56
N ASN B 100 -28.94 0.17 -9.11
CA ASN B 100 -27.67 -0.46 -8.71
C ASN B 100 -27.27 -0.14 -7.28
N GLU B 101 -27.01 -1.20 -6.51
CA GLU B 101 -26.37 -1.11 -5.21
C GLU B 101 -24.90 -0.67 -5.36
N LYS B 102 -24.67 0.63 -5.17
CA LYS B 102 -23.35 1.24 -5.30
C LYS B 102 -22.66 1.38 -3.93
N LEU B 103 -21.52 0.70 -3.77
CA LEU B 103 -20.77 0.75 -2.51
C LEU B 103 -19.70 1.86 -2.45
N PHE B 104 -19.51 2.37 -1.23
CA PHE B 104 -18.48 3.35 -0.91
C PHE B 104 -17.77 2.76 0.29
N PHE B 105 -16.44 2.69 0.22
CA PHE B 105 -15.60 2.05 1.23
C PHE B 105 -14.90 3.10 2.08
N GLY B 106 -14.69 2.81 3.37
CA GLY B 106 -13.67 3.49 4.14
C GLY B 106 -12.28 3.03 3.73
N SER B 107 -11.25 3.63 4.29
CA SER B 107 -9.90 3.31 3.95
C SER B 107 -9.25 2.19 4.77
N GLY B 108 -10.03 1.54 5.64
CA GLY B 108 -9.58 0.36 6.33
C GLY B 108 -8.88 0.55 7.66
N THR B 109 -8.87 -0.52 8.46
CA THR B 109 -8.01 -0.65 9.62
C THR B 109 -7.10 -1.84 9.38
N GLN B 110 -5.81 -1.59 9.52
CA GLN B 110 -4.79 -2.63 9.52
C GLN B 110 -4.59 -3.05 11.00
N LEU B 111 -5.10 -4.22 11.34
CA LEU B 111 -5.10 -4.75 12.68
C LEU B 111 -4.02 -5.82 12.81
N SER B 112 -3.15 -5.62 13.78
CA SER B 112 -2.17 -6.64 14.15
C SER B 112 -2.35 -7.07 15.59
N VAL B 113 -2.70 -8.35 15.79
CA VAL B 113 -2.87 -8.94 17.13
C VAL B 113 -1.70 -9.87 17.48
N LEU B 114 -0.97 -9.56 18.55
CA LEU B 114 0.25 -10.28 18.88
C LEU B 114 0.18 -11.02 20.20
N GLU B 115 0.61 -12.28 20.16
CA GLU B 115 0.74 -13.11 21.34
C GLU B 115 1.79 -12.52 22.30
N ASP B 116 2.85 -11.97 21.70
CA ASP B 116 4.01 -11.46 22.42
C ASP B 116 4.32 -10.03 21.98
N LEU B 117 4.08 -9.08 22.89
CA LEU B 117 4.36 -7.67 22.64
C LEU B 117 5.86 -7.32 22.52
N ASN B 118 6.70 -8.25 22.97
CA ASN B 118 8.14 -8.08 22.86
C ASN B 118 8.65 -8.10 21.40
N LYS B 119 7.80 -8.53 20.46
CA LYS B 119 8.15 -8.47 19.06
C LYS B 119 7.82 -7.12 18.40
N VAL B 120 7.42 -6.14 19.21
CA VAL B 120 7.13 -4.80 18.69
C VAL B 120 8.38 -3.92 18.80
N PHE B 121 8.76 -3.26 17.71
CA PHE B 121 9.99 -2.49 17.65
C PHE B 121 9.71 -1.27 16.80
N PRO B 122 10.15 -0.08 17.27
CA PRO B 122 10.01 1.07 16.40
C PRO B 122 11.15 1.06 15.35
N PRO B 123 10.98 1.80 14.24
CA PRO B 123 12.04 1.93 13.24
C PRO B 123 13.25 2.74 13.73
N GLU B 124 14.42 2.38 13.23
CA GLU B 124 15.56 3.30 13.21
C GLU B 124 15.59 3.96 11.83
N VAL B 125 16.00 5.23 11.77
CA VAL B 125 15.94 5.99 10.52
C VAL B 125 17.30 6.64 10.23
N ALA B 126 17.80 6.42 9.02
CA ALA B 126 19.04 7.05 8.60
C ALA B 126 18.81 7.70 7.26
N VAL B 127 19.43 8.86 7.09
CA VAL B 127 19.44 9.55 5.80
C VAL B 127 20.85 9.43 5.25
N PHE B 128 20.96 8.95 4.01
CA PHE B 128 22.23 8.86 3.30
C PHE B 128 22.32 10.00 2.27
N GLU B 129 23.44 10.72 2.32
CA GLU B 129 23.62 11.95 1.53
C GLU B 129 23.93 11.62 0.07
N PRO B 130 23.52 12.50 -0.87
CA PRO B 130 23.81 12.26 -2.30
C PRO B 130 25.28 11.95 -2.59
N SER B 131 25.52 11.03 -3.51
CA SER B 131 26.87 10.72 -3.98
C SER B 131 27.40 11.90 -4.81
N GLU B 132 28.61 12.38 -4.49
CA GLU B 132 29.23 13.41 -5.32
C GLU B 132 29.51 12.90 -6.76
N ALA B 133 29.75 11.60 -6.89
CA ALA B 133 29.86 10.98 -8.21
C ALA B 133 28.52 11.09 -8.97
N GLU B 134 27.40 10.99 -8.26
CA GLU B 134 26.09 11.33 -8.86
C GLU B 134 25.96 12.81 -9.24
N ILE B 135 26.30 13.70 -8.30
CA ILE B 135 26.20 15.16 -8.51
C ILE B 135 27.05 15.68 -9.68
N SER B 136 28.35 15.38 -9.68
CA SER B 136 29.23 15.83 -10.77
C SER B 136 28.90 15.24 -12.15
N HIS B 137 28.27 14.07 -12.19
CA HIS B 137 27.95 13.42 -13.47
C HIS B 137 26.58 13.80 -14.04
N THR B 138 25.63 14.08 -13.16
CA THR B 138 24.23 14.08 -13.54
C THR B 138 23.53 15.42 -13.28
N GLN B 139 24.16 16.28 -12.47
CA GLN B 139 23.61 17.59 -12.05
C GLN B 139 22.39 17.47 -11.13
N LYS B 140 22.26 16.29 -10.51
CA LYS B 140 21.13 15.91 -9.64
C LYS B 140 21.66 15.13 -8.45
N ALA B 141 20.89 15.17 -7.37
CA ALA B 141 21.32 14.67 -6.08
C ALA B 141 20.20 13.86 -5.44
N THR B 142 20.44 12.55 -5.24
CA THR B 142 19.46 11.65 -4.59
C THR B 142 19.83 11.34 -3.14
N LEU B 143 18.92 11.71 -2.24
CA LEU B 143 19.01 11.34 -0.83
C LEU B 143 18.29 10.02 -0.64
N VAL B 144 18.89 9.10 0.11
CA VAL B 144 18.20 7.85 0.45
C VAL B 144 17.88 7.87 1.93
N CYS B 145 16.64 7.48 2.26
CA CYS B 145 16.22 7.25 3.63
C CYS B 145 16.00 5.76 3.84
N LEU B 146 16.62 5.21 4.88
CA LEU B 146 16.41 3.84 5.31
C LEU B 146 15.77 3.80 6.70
N ALA B 147 14.59 3.21 6.77
CA ALA B 147 13.90 2.87 8.01
C ALA B 147 14.05 1.38 8.23
N THR B 148 14.58 0.98 9.39
CA THR B 148 14.92 -0.41 9.66
C THR B 148 14.50 -0.88 11.05
N GLY B 149 14.29 -2.18 11.14
CA GLY B 149 14.10 -2.88 12.39
C GLY B 149 12.73 -2.78 12.97
N PHE B 150 11.77 -2.31 12.19
CA PHE B 150 10.43 -2.13 12.74
C PHE B 150 9.51 -3.34 12.62
N TYR B 151 8.59 -3.45 13.57
CA TYR B 151 7.56 -4.47 13.55
C TYR B 151 6.38 -4.02 14.43
N PRO B 152 5.13 -4.19 13.96
CA PRO B 152 4.72 -4.68 12.65
C PRO B 152 4.92 -3.65 11.54
N ASP B 153 4.44 -3.98 10.34
CA ASP B 153 4.54 -3.11 9.14
C ASP B 153 3.49 -1.96 9.18
N HIS B 154 3.58 -1.09 10.17
CA HIS B 154 2.59 -0.03 10.40
C HIS B 154 3.30 1.32 10.48
N VAL B 155 3.79 1.79 9.33
CA VAL B 155 4.60 3.01 9.25
C VAL B 155 4.20 3.91 8.09
N GLU B 156 4.46 5.21 8.24
CA GLU B 156 4.30 6.15 7.14
C GLU B 156 5.53 7.04 7.04
N LEU B 157 6.23 6.95 5.90
CA LEU B 157 7.42 7.71 5.67
C LEU B 157 7.10 8.94 4.84
N SER B 158 7.67 10.08 5.24
CA SER B 158 7.50 11.31 4.49
C SER B 158 8.82 12.07 4.50
N TRP B 159 8.97 12.97 3.52
CA TRP B 159 10.14 13.81 3.33
C TRP B 159 9.73 15.25 3.54
N TRP B 160 10.56 16.03 4.27
CA TRP B 160 10.25 17.41 4.63
C TRP B 160 11.45 18.26 4.26
N VAL B 161 11.28 19.18 3.30
CA VAL B 161 12.34 20.10 2.89
C VAL B 161 11.97 21.49 3.32
N ASN B 162 12.88 22.10 4.03
CA ASN B 162 12.67 23.40 4.66
C ASN B 162 11.35 23.53 5.41
N GLY B 163 11.03 22.48 6.17
CA GLY B 163 9.86 22.45 7.01
C GLY B 163 8.54 22.09 6.37
N LYS B 164 8.57 21.74 5.07
CA LYS B 164 7.35 21.47 4.32
C LYS B 164 7.44 20.13 3.61
N GLU B 165 6.37 19.35 3.69
CA GLU B 165 6.34 18.04 3.09
C GLU B 165 6.47 18.08 1.55
N VAL B 166 7.27 17.19 0.98
CA VAL B 166 7.42 17.19 -0.45
C VAL B 166 6.97 15.88 -1.03
N HIS B 167 6.47 15.96 -2.28
CA HIS B 167 6.07 14.82 -3.07
C HIS B 167 6.84 14.76 -4.39
N SER B 168 7.24 15.91 -4.91
CA SER B 168 7.98 15.93 -6.17
C SER B 168 9.39 15.33 -5.96
N GLY B 169 9.82 14.49 -6.90
CA GLY B 169 11.11 13.81 -6.83
C GLY B 169 11.27 12.74 -5.76
N VAL B 170 10.16 12.27 -5.19
CA VAL B 170 10.15 11.23 -4.14
C VAL B 170 9.67 9.87 -4.69
N CYS B 171 10.29 8.78 -4.23
CA CYS B 171 9.75 7.45 -4.43
C CYS B 171 10.07 6.65 -3.18
N THR B 172 9.08 5.94 -2.66
CA THR B 172 9.18 5.13 -1.45
C THR B 172 8.77 3.71 -1.89
N ASP B 173 9.50 2.67 -1.48
CA ASP B 173 9.14 1.27 -1.78
C ASP B 173 7.67 1.01 -1.45
N PRO B 174 6.92 0.40 -2.38
CA PRO B 174 5.51 0.09 -2.12
C PRO B 174 5.32 -0.95 -1.03
N GLN B 175 6.30 -1.85 -0.88
CA GLN B 175 6.25 -2.90 0.13
C GLN B 175 7.61 -2.96 0.84
N PRO B 176 7.60 -3.22 2.15
CA PRO B 176 8.87 -3.32 2.83
C PRO B 176 9.50 -4.71 2.61
N LEU B 177 10.63 -4.92 3.26
CA LEU B 177 11.46 -6.08 3.00
C LEU B 177 11.74 -6.71 4.39
N LYS B 178 11.75 -8.03 4.43
CA LYS B 178 12.01 -8.73 5.69
C LYS B 178 13.50 -8.81 5.93
N GLU B 179 13.92 -8.30 7.08
CA GLU B 179 15.32 -8.34 7.49
C GLU B 179 15.77 -9.76 7.84
N GLN B 180 14.86 -10.59 8.31
CA GLN B 180 15.14 -12.01 8.55
C GLN B 180 13.98 -12.86 8.04
N PRO B 181 13.97 -13.15 6.72
CA PRO B 181 12.84 -13.84 6.10
C PRO B 181 12.48 -15.17 6.80
N ALA B 182 13.48 -15.88 7.32
CA ALA B 182 13.25 -17.16 8.02
C ALA B 182 12.47 -17.06 9.34
N LEU B 183 11.90 -15.89 9.61
CA LEU B 183 10.98 -15.72 10.74
C LEU B 183 9.72 -15.02 10.23
N ASN B 184 8.56 -15.66 10.36
CA ASN B 184 7.29 -15.07 9.89
C ASN B 184 6.85 -13.81 10.66
N ASP B 185 7.57 -13.52 11.75
CA ASP B 185 7.44 -12.28 12.53
C ASP B 185 8.69 -11.41 12.41
N SER B 186 9.43 -11.58 11.31
CA SER B 186 10.63 -10.81 11.04
C SER B 186 10.37 -9.32 11.12
N ARG B 187 11.35 -8.58 11.62
CA ARG B 187 11.39 -7.12 11.49
C ARG B 187 11.61 -6.70 10.03
N TYR B 188 11.31 -5.44 9.76
CA TYR B 188 11.11 -4.96 8.41
C TYR B 188 12.05 -3.82 8.13
N ALA B 189 12.36 -3.65 6.86
CA ALA B 189 13.09 -2.46 6.38
C ALA B 189 12.34 -1.81 5.22
N LEU B 190 12.44 -0.50 5.08
CA LEU B 190 11.79 0.25 4.00
C LEU B 190 12.73 1.37 3.57
N SER B 191 12.90 1.57 2.27
CA SER B 191 13.64 2.75 1.78
C SER B 191 12.81 3.73 0.97
N SER B 192 13.33 4.94 0.82
CA SER B 192 12.71 5.99 0.03
C SER B 192 13.83 6.82 -0.57
N ARG B 193 13.54 7.47 -1.70
CA ARG B 193 14.52 8.35 -2.34
C ARG B 193 13.92 9.74 -2.44
N LEU B 194 14.74 10.77 -2.25
CA LEU B 194 14.35 12.12 -2.63
C LEU B 194 15.42 12.68 -3.55
N ARG B 195 15.03 12.99 -4.79
CA ARG B 195 15.94 13.53 -5.77
C ARG B 195 15.68 15.02 -6.07
N VAL B 196 16.70 15.82 -5.82
CA VAL B 196 16.70 17.26 -6.06
C VAL B 196 17.79 17.61 -7.07
N SER B 197 17.73 18.83 -7.61
CA SER B 197 18.85 19.33 -8.41
C SER B 197 20.07 19.45 -7.52
N ALA B 198 21.25 19.26 -8.11
CA ALA B 198 22.50 19.33 -7.37
C ALA B 198 22.72 20.67 -6.68
N THR B 199 22.25 21.77 -7.29
CA THR B 199 22.48 23.08 -6.72
C THR B 199 21.57 23.36 -5.54
N PHE B 200 20.35 22.80 -5.59
CA PHE B 200 19.48 22.79 -4.41
C PHE B 200 20.18 22.09 -3.25
N TRP B 201 20.70 20.89 -3.49
CA TRP B 201 21.50 20.17 -2.48
C TRP B 201 22.74 20.92 -1.96
N GLN B 202 23.48 21.55 -2.86
CA GLN B 202 24.70 22.26 -2.48
C GLN B 202 24.47 23.54 -1.68
N ASP B 203 23.22 24.02 -1.63
CA ASP B 203 22.88 25.17 -0.81
C ASP B 203 22.79 24.78 0.67
N PRO B 204 23.72 25.27 1.50
CA PRO B 204 23.73 25.01 2.96
C PRO B 204 22.48 25.45 3.75
N ARG B 205 21.67 26.37 3.23
CA ARG B 205 20.43 26.78 3.92
C ARG B 205 19.29 25.76 3.81
N ASN B 206 19.44 24.82 2.88
CA ASN B 206 18.42 23.79 2.67
C ASN B 206 18.54 22.64 3.67
N HIS B 207 17.40 22.32 4.28
CA HIS B 207 17.29 21.31 5.32
C HIS B 207 16.37 20.20 4.82
N PHE B 208 16.83 18.95 4.95
CA PHE B 208 16.16 17.74 4.46
C PHE B 208 15.90 16.82 5.65
N ARG B 209 14.69 16.31 5.78
CA ARG B 209 14.37 15.40 6.87
C ARG B 209 13.49 14.27 6.37
N CYS B 210 13.90 13.05 6.66
CA CYS B 210 13.09 11.86 6.46
C CYS B 210 12.34 11.57 7.78
N GLN B 211 11.01 11.56 7.73
CA GLN B 211 10.20 11.32 8.89
C GLN B 211 9.44 10.00 8.76
N VAL B 212 9.53 9.16 9.79
CA VAL B 212 8.73 7.93 9.83
C VAL B 212 7.81 7.91 11.07
N GLN B 213 6.52 8.04 10.82
CA GLN B 213 5.48 7.77 11.78
C GLN B 213 5.30 6.23 11.97
N PHE B 214 5.62 5.75 13.17
CA PHE B 214 5.35 4.37 13.57
C PHE B 214 4.09 4.26 14.48
N TYR B 215 3.22 3.28 14.23
CA TYR B 215 2.08 3.01 15.10
C TYR B 215 2.37 1.76 15.92
N GLY B 216 2.50 1.95 17.22
CA GLY B 216 2.87 0.87 18.12
C GLY B 216 1.94 0.80 19.28
N LEU B 217 2.55 0.64 20.45
CA LEU B 217 1.83 0.41 21.68
C LEU B 217 1.27 1.75 22.13
N SER B 218 0.18 1.71 22.89
CA SER B 218 -0.33 2.91 23.49
C SER B 218 0.19 3.05 24.90
N GLU B 219 -0.01 4.24 25.45
CA GLU B 219 0.43 4.61 26.78
C GLU B 219 0.10 3.59 27.85
N ASN B 220 -1.16 3.13 27.86
CA ASN B 220 -1.62 2.27 28.94
C ASN B 220 -1.05 0.84 28.95
N ASP B 221 -0.42 0.44 27.83
CA ASP B 221 0.05 -0.93 27.62
C ASP B 221 1.12 -1.39 28.59
N GLU B 222 0.98 -2.62 29.06
CA GLU B 222 1.94 -3.23 29.97
C GLU B 222 3.27 -3.46 29.24
N TRP B 223 4.37 -3.26 29.96
CA TRP B 223 5.70 -3.41 29.39
C TRP B 223 6.71 -3.72 30.51
N THR B 224 7.63 -4.64 30.24
CA THR B 224 8.53 -5.13 31.29
C THR B 224 10.00 -5.26 30.84
N GLN B 225 10.26 -4.94 29.58
CA GLN B 225 11.58 -5.16 28.98
C GLN B 225 12.60 -4.07 29.32
N ASP B 226 13.86 -4.48 29.33
CA ASP B 226 15.01 -3.58 29.47
C ASP B 226 15.32 -2.99 28.09
N ARG B 227 14.40 -2.13 27.64
CA ARG B 227 14.47 -1.41 26.37
C ARG B 227 13.23 -0.51 26.34
N ALA B 228 13.38 0.73 25.87
CA ALA B 228 12.26 1.68 25.86
C ALA B 228 11.00 1.05 25.25
N LYS B 229 9.84 1.41 25.81
CA LYS B 229 8.57 0.90 25.32
C LYS B 229 8.27 1.39 23.88
N PRO B 230 7.95 0.44 22.97
CA PRO B 230 7.76 0.76 21.55
C PRO B 230 6.38 1.37 21.27
N VAL B 231 6.17 2.59 21.77
CA VAL B 231 4.89 3.29 21.61
C VAL B 231 4.79 3.89 20.22
N THR B 232 3.58 4.25 19.81
CA THR B 232 3.37 5.09 18.64
C THR B 232 4.27 6.34 18.73
N GLN B 233 5.02 6.59 17.66
CA GLN B 233 6.03 7.66 17.69
C GLN B 233 6.50 8.06 16.29
N ILE B 234 7.13 9.24 16.22
CA ILE B 234 7.88 9.62 15.03
C ILE B 234 9.37 9.38 15.24
N VAL B 235 10.00 8.76 14.26
CA VAL B 235 11.46 8.72 14.24
C VAL B 235 11.93 9.42 12.94
N SER B 236 12.88 10.34 13.09
CA SER B 236 13.45 11.11 11.97
C SER B 236 14.98 11.03 11.88
N ALA B 237 15.50 11.39 10.70
CA ALA B 237 16.92 11.65 10.50
C ALA B 237 16.99 12.85 9.55
N GLU B 238 18.03 13.67 9.68
CA GLU B 238 18.13 14.89 8.88
C GLU B 238 19.50 15.15 8.24
N ALA B 239 19.50 16.03 7.26
CA ALA B 239 20.73 16.35 6.52
C ALA B 239 20.65 17.78 6.01
N TRP B 240 21.80 18.40 5.95
CA TRP B 240 21.90 19.74 5.46
C TRP B 240 22.53 19.69 4.08
N GLY B 241 22.08 20.60 3.22
CA GLY B 241 22.73 20.81 1.95
C GLY B 241 24.15 21.26 2.24
N ARG B 242 25.09 20.81 1.43
CA ARG B 242 26.49 21.19 1.61
C ARG B 242 27.15 21.35 0.26
N ALA B 243 27.77 22.52 0.07
CA ALA B 243 28.54 22.88 -1.13
C ALA B 243 29.40 21.71 -1.64
N ASP B 244 30.66 21.68 -1.23
CA ASP B 244 31.60 20.61 -1.59
C ASP B 244 31.75 20.39 -3.11
#